data_1WMB
#
_entry.id   1WMB
#
_cell.length_a   64.336
_cell.length_b   99.025
_cell.length_c   110.229
_cell.angle_alpha   90.00
_cell.angle_beta   90.00
_cell.angle_gamma   90.00
#
_symmetry.space_group_name_H-M   'P 21 21 2'
#
loop_
_entity.id
_entity.type
_entity.pdbx_description
1 polymer 'D(-)-3-hydroxybutyrate dehydrogenase'
2 non-polymer 'MAGNESIUM ION'
3 non-polymer 'CACODYLATE ION'
4 water water
#
_entity_poly.entity_id   1
_entity_poly.type   'polypeptide(L)'
_entity_poly.pdbx_seq_one_letter_code
;MLKGKVAVVTGSTSGIGLGIATALAAQGADIVLNGFGDAAEIEKVRAGLAAQHGVKVLYDGADLSKGEAVRGLVDNAVRQ
MGRIDILVNNAGIQHTALIEDFPTEKWDAILALNLSAVFHGTAAALPHMKKQGFGRIINIASAHGLVASANKSAYVAAKH
GVVGFTKVTALETAGQGITANAICPGWVRTPLVEKQISALAEKNGVDQETAARELLSEKQPSLQFVTPEQLGGTAVFLAS
DAAAQITGTTVSVDGGWTAR
;
_entity_poly.pdbx_strand_id   A,B
#
# COMPACT_ATOMS: atom_id res chain seq x y z
N MET A 1 15.63 -3.93 -5.98
CA MET A 1 16.22 -5.14 -5.33
C MET A 1 16.60 -4.85 -3.89
N LEU A 2 16.96 -5.90 -3.16
CA LEU A 2 17.34 -5.77 -1.76
C LEU A 2 18.67 -6.46 -1.49
N LYS A 3 19.50 -6.56 -2.52
CA LYS A 3 20.80 -7.20 -2.38
C LYS A 3 21.61 -6.46 -1.32
N GLY A 4 22.29 -7.22 -0.46
CA GLY A 4 23.08 -6.60 0.57
C GLY A 4 22.29 -6.25 1.82
N LYS A 5 21.01 -6.62 1.83
CA LYS A 5 20.17 -6.35 2.98
C LYS A 5 19.80 -7.63 3.71
N VAL A 6 19.56 -7.50 5.01
CA VAL A 6 19.20 -8.64 5.84
C VAL A 6 17.77 -8.50 6.36
N ALA A 7 16.96 -9.52 6.09
CA ALA A 7 15.57 -9.52 6.52
C ALA A 7 15.28 -10.66 7.49
N VAL A 8 14.65 -10.34 8.62
CA VAL A 8 14.28 -11.33 9.62
C VAL A 8 12.76 -11.45 9.58
N VAL A 9 12.24 -12.67 9.48
CA VAL A 9 10.79 -12.90 9.43
C VAL A 9 10.35 -13.91 10.48
N THR A 10 9.54 -13.47 11.44
CA THR A 10 9.05 -14.38 12.47
C THR A 10 7.89 -15.23 11.93
N GLY A 11 7.79 -16.46 12.41
CA GLY A 11 6.74 -17.36 11.95
C GLY A 11 6.80 -17.56 10.45
N SER A 12 8.00 -17.79 9.94
CA SER A 12 8.21 -17.96 8.51
C SER A 12 8.53 -19.38 8.04
N THR A 13 8.24 -20.38 8.86
CA THR A 13 8.54 -21.75 8.45
C THR A 13 7.51 -22.27 7.47
N SER A 14 6.43 -21.51 7.28
CA SER A 14 5.36 -21.90 6.36
C SER A 14 4.36 -20.77 6.15
N GLY A 15 3.35 -21.06 5.33
CA GLY A 15 2.30 -20.10 5.05
C GLY A 15 2.73 -18.70 4.68
N ILE A 16 2.02 -17.73 5.25
CA ILE A 16 2.26 -16.31 5.01
C ILE A 16 3.71 -15.91 5.25
N GLY A 17 4.22 -16.21 6.46
CA GLY A 17 5.59 -15.86 6.79
C GLY A 17 6.58 -16.39 5.78
N LEU A 18 6.39 -17.64 5.36
CA LEU A 18 7.28 -18.26 4.38
C LEU A 18 7.18 -17.57 3.03
N GLY A 19 5.95 -17.22 2.64
CA GLY A 19 5.76 -16.54 1.37
C GLY A 19 6.51 -15.22 1.36
N ILE A 20 6.52 -14.55 2.51
CA ILE A 20 7.19 -13.26 2.65
C ILE A 20 8.71 -13.40 2.62
N ALA A 21 9.23 -14.37 3.35
CA ALA A 21 10.67 -14.59 3.39
C ALA A 21 11.18 -14.96 2.00
N THR A 22 10.36 -15.68 1.25
CA THR A 22 10.69 -16.13 -0.09
C THR A 22 10.74 -14.96 -1.07
N ALA A 23 9.73 -14.08 -1.00
CA ALA A 23 9.68 -12.91 -1.88
C ALA A 23 10.89 -12.01 -1.59
N LEU A 24 11.23 -11.87 -0.32
CA LEU A 24 12.38 -11.05 0.07
C LEU A 24 13.67 -11.69 -0.42
N ALA A 25 13.80 -12.99 -0.18
CA ALA A 25 14.98 -13.74 -0.60
C ALA A 25 15.09 -13.63 -2.11
N ALA A 26 13.95 -13.61 -2.79
CA ALA A 26 13.91 -13.51 -4.24
C ALA A 26 14.46 -12.17 -4.73
N GLN A 27 14.47 -11.16 -3.87
CA GLN A 27 14.98 -9.85 -4.25
C GLN A 27 16.47 -9.71 -3.90
N GLY A 28 17.07 -10.79 -3.41
CA GLY A 28 18.49 -10.74 -3.07
C GLY A 28 18.82 -10.51 -1.61
N ALA A 29 17.81 -10.43 -0.76
CA ALA A 29 18.04 -10.21 0.67
C ALA A 29 18.39 -11.50 1.40
N ASP A 30 19.33 -11.42 2.34
CA ASP A 30 19.68 -12.59 3.13
C ASP A 30 18.49 -12.78 4.06
N ILE A 31 18.23 -14.01 4.48
CA ILE A 31 17.08 -14.30 5.32
C ILE A 31 17.35 -15.05 6.60
N VAL A 32 16.56 -14.73 7.63
CA VAL A 32 16.62 -15.40 8.91
C VAL A 32 15.22 -15.94 9.15
N LEU A 33 15.06 -17.25 9.05
CA LEU A 33 13.77 -17.89 9.27
C LEU A 33 13.57 -18.14 10.76
N ASN A 34 12.32 -18.29 11.17
CA ASN A 34 11.99 -18.51 12.56
C ASN A 34 10.58 -19.10 12.69
N GLY A 35 10.28 -19.70 13.83
CA GLY A 35 8.97 -20.27 14.05
C GLY A 35 9.00 -21.74 14.42
N PHE A 36 8.00 -22.15 15.19
CA PHE A 36 7.90 -23.54 15.61
C PHE A 36 7.49 -24.43 14.44
N GLY A 37 8.06 -25.64 14.42
CA GLY A 37 7.77 -26.58 13.36
C GLY A 37 8.68 -27.79 13.45
N ASP A 38 8.67 -28.60 12.41
CA ASP A 38 9.48 -29.81 12.35
C ASP A 38 10.92 -29.50 11.93
N ALA A 39 11.88 -29.81 12.80
CA ALA A 39 13.28 -29.53 12.52
C ALA A 39 13.73 -30.03 11.15
N ALA A 40 13.44 -31.29 10.85
CA ALA A 40 13.80 -31.90 9.57
C ALA A 40 13.28 -31.10 8.38
N GLU A 41 11.98 -30.83 8.37
CA GLU A 41 11.37 -30.09 7.28
C GLU A 41 11.81 -28.63 7.26
N ILE A 42 12.05 -28.06 8.43
CA ILE A 42 12.50 -26.67 8.50
C ILE A 42 13.84 -26.52 7.79
N GLU A 43 14.75 -27.47 8.03
CA GLU A 43 16.06 -27.42 7.40
C GLU A 43 15.93 -27.55 5.89
N LYS A 44 15.01 -28.39 5.43
CA LYS A 44 14.80 -28.56 4.01
C LYS A 44 14.37 -27.24 3.40
N VAL A 45 13.49 -26.54 4.10
CA VAL A 45 13.00 -25.24 3.65
C VAL A 45 14.13 -24.23 3.64
N ARG A 46 14.86 -24.15 4.76
CA ARG A 46 15.99 -23.22 4.88
C ARG A 46 17.04 -23.45 3.80
N ALA A 47 17.48 -24.69 3.66
CA ALA A 47 18.49 -25.04 2.66
C ALA A 47 17.97 -24.76 1.25
N GLY A 48 16.74 -25.20 0.99
CA GLY A 48 16.15 -24.98 -0.33
C GLY A 48 16.12 -23.52 -0.72
N LEU A 49 15.68 -22.67 0.20
CA LEU A 49 15.59 -21.23 -0.06
C LEU A 49 16.95 -20.64 -0.41
N ALA A 50 17.98 -21.00 0.36
CA ALA A 50 19.32 -20.50 0.11
C ALA A 50 19.81 -20.93 -1.27
N ALA A 51 19.61 -22.20 -1.60
CA ALA A 51 20.03 -22.72 -2.89
C ALA A 51 19.26 -22.07 -4.03
N GLN A 52 17.95 -21.97 -3.87
CA GLN A 52 17.08 -21.37 -4.88
C GLN A 52 17.39 -19.93 -5.26
N HIS A 53 17.61 -19.09 -4.27
CA HIS A 53 17.88 -17.69 -4.53
C HIS A 53 19.33 -17.26 -4.32
N GLY A 54 20.19 -18.21 -3.98
CA GLY A 54 21.58 -17.89 -3.78
C GLY A 54 21.84 -16.80 -2.75
N VAL A 55 21.18 -16.90 -1.60
CA VAL A 55 21.34 -15.93 -0.53
C VAL A 55 21.55 -16.71 0.76
N LYS A 56 22.13 -16.07 1.76
CA LYS A 56 22.36 -16.75 3.03
C LYS A 56 21.04 -16.85 3.76
N VAL A 57 20.74 -18.05 4.25
CA VAL A 57 19.50 -18.30 4.98
C VAL A 57 19.77 -19.11 6.25
N LEU A 58 19.34 -18.56 7.37
CA LEU A 58 19.53 -19.24 8.65
C LEU A 58 18.15 -19.47 9.25
N TYR A 59 18.10 -20.23 10.34
CA TYR A 59 16.85 -20.49 11.04
C TYR A 59 17.08 -20.37 12.54
N ASP A 60 16.22 -19.62 13.20
CA ASP A 60 16.33 -19.45 14.65
C ASP A 60 14.98 -19.85 15.23
N GLY A 61 14.95 -20.96 15.97
CA GLY A 61 13.72 -21.44 16.56
C GLY A 61 13.35 -20.77 17.88
N ALA A 62 13.71 -19.50 18.04
CA ALA A 62 13.40 -18.77 19.27
C ALA A 62 11.90 -18.79 19.55
N ASP A 63 11.54 -19.01 20.82
CA ASP A 63 10.16 -19.05 21.27
C ASP A 63 9.62 -17.62 21.36
N LEU A 64 8.86 -17.21 20.35
CA LEU A 64 8.32 -15.86 20.26
C LEU A 64 7.40 -15.43 21.41
N SER A 65 6.96 -16.38 22.23
CA SER A 65 6.10 -16.05 23.36
C SER A 65 6.93 -15.50 24.52
N LYS A 66 8.26 -15.62 24.39
CA LYS A 66 9.19 -15.14 25.40
C LYS A 66 9.88 -13.85 24.98
N GLY A 67 9.64 -12.78 25.73
CA GLY A 67 10.22 -11.49 25.41
C GLY A 67 11.72 -11.50 25.15
N GLU A 68 12.50 -12.06 26.06
CA GLU A 68 13.95 -12.11 25.89
C GLU A 68 14.33 -12.97 24.70
N ALA A 69 13.49 -13.93 24.36
CA ALA A 69 13.77 -14.81 23.22
C ALA A 69 13.59 -14.05 21.91
N VAL A 70 12.61 -13.16 21.85
CA VAL A 70 12.37 -12.38 20.64
C VAL A 70 13.54 -11.42 20.42
N ARG A 71 13.95 -10.75 21.49
CA ARG A 71 15.07 -9.83 21.41
C ARG A 71 16.33 -10.61 21.03
N GLY A 72 16.45 -11.82 21.54
CA GLY A 72 17.59 -12.67 21.23
C GLY A 72 17.63 -13.03 19.77
N LEU A 73 16.46 -13.20 19.16
CA LEU A 73 16.35 -13.53 17.74
C LEU A 73 16.99 -12.41 16.95
N VAL A 74 16.58 -11.18 17.27
CA VAL A 74 17.11 -10.00 16.59
C VAL A 74 18.61 -9.88 16.87
N ASP A 75 19.00 -9.97 18.14
CA ASP A 75 20.40 -9.85 18.52
C ASP A 75 21.29 -10.81 17.73
N ASN A 76 20.89 -12.08 17.69
CA ASN A 76 21.66 -13.11 17.00
C ASN A 76 21.67 -12.92 15.49
N ALA A 77 20.59 -12.38 14.96
CA ALA A 77 20.48 -12.13 13.53
C ALA A 77 21.55 -11.13 13.13
N VAL A 78 21.71 -10.09 13.92
CA VAL A 78 22.71 -9.07 13.65
C VAL A 78 24.09 -9.70 13.70
N ARG A 79 24.37 -10.43 14.78
CA ARG A 79 25.67 -11.08 14.96
C ARG A 79 26.03 -12.04 13.84
N GLN A 80 25.06 -12.83 13.38
CA GLN A 80 25.32 -13.80 12.32
C GLN A 80 25.16 -13.24 10.90
N MET A 81 24.27 -12.27 10.74
CA MET A 81 24.03 -11.69 9.43
C MET A 81 24.77 -10.39 9.14
N GLY A 82 25.21 -9.72 10.21
CA GLY A 82 25.94 -8.47 10.04
C GLY A 82 25.11 -7.22 10.26
N ARG A 83 23.79 -7.37 10.20
CA ARG A 83 22.88 -6.24 10.39
C ARG A 83 21.44 -6.72 10.28
N ILE A 84 20.50 -5.80 10.42
CA ILE A 84 19.08 -6.13 10.28
C ILE A 84 18.38 -4.93 9.64
N ASP A 85 18.20 -5.01 8.33
CA ASP A 85 17.55 -3.94 7.59
C ASP A 85 16.04 -4.06 7.61
N ILE A 86 15.57 -5.30 7.60
CA ILE A 86 14.14 -5.59 7.54
C ILE A 86 13.64 -6.53 8.63
N LEU A 87 12.60 -6.11 9.34
CA LEU A 87 11.99 -6.92 10.38
C LEU A 87 10.51 -7.09 10.05
N VAL A 88 10.11 -8.33 9.80
CA VAL A 88 8.73 -8.65 9.51
C VAL A 88 8.19 -9.41 10.71
N ASN A 89 7.32 -8.77 11.47
CA ASN A 89 6.73 -9.41 12.64
C ASN A 89 5.45 -10.06 12.13
N ASN A 90 5.51 -11.36 11.91
CA ASN A 90 4.40 -12.10 11.34
C ASN A 90 3.66 -13.11 12.21
N ALA A 91 4.39 -13.84 13.05
CA ALA A 91 3.78 -14.86 13.91
C ALA A 91 2.49 -14.43 14.60
N GLY A 92 1.54 -15.35 14.66
CA GLY A 92 0.27 -15.10 15.31
C GLY A 92 -0.48 -16.38 15.63
N ILE A 93 -1.49 -16.27 16.50
CA ILE A 93 -2.32 -17.41 16.89
C ILE A 93 -3.73 -16.92 17.20
N GLN A 94 -4.71 -17.82 17.13
CA GLN A 94 -6.09 -17.43 17.39
C GLN A 94 -6.87 -18.41 18.26
N HIS A 95 -8.05 -17.96 18.66
CA HIS A 95 -8.98 -18.75 19.46
C HIS A 95 -10.34 -18.08 19.34
N THR A 96 -11.39 -18.89 19.13
CA THR A 96 -12.74 -18.37 18.99
C THR A 96 -13.63 -18.76 20.18
N ALA A 97 -14.32 -17.77 20.75
CA ALA A 97 -15.21 -17.99 21.88
C ALA A 97 -15.85 -16.66 22.27
N LEU A 98 -17.01 -16.72 22.93
CA LEU A 98 -17.66 -15.48 23.38
C LEU A 98 -16.74 -14.91 24.43
N ILE A 99 -16.80 -13.60 24.62
CA ILE A 99 -15.95 -12.96 25.61
C ILE A 99 -16.04 -13.63 26.97
N GLU A 100 -17.26 -13.90 27.43
CA GLU A 100 -17.45 -14.52 28.74
C GLU A 100 -16.93 -15.95 28.81
N ASP A 101 -16.71 -16.57 27.66
CA ASP A 101 -16.22 -17.94 27.61
C ASP A 101 -14.75 -18.00 27.21
N PHE A 102 -14.14 -16.86 26.98
CA PHE A 102 -12.74 -16.82 26.56
C PHE A 102 -11.79 -17.11 27.71
N PRO A 103 -11.03 -18.22 27.62
CA PRO A 103 -10.08 -18.59 28.67
C PRO A 103 -9.04 -17.49 28.89
N THR A 104 -8.80 -17.12 30.14
CA THR A 104 -7.81 -16.09 30.42
C THR A 104 -6.46 -16.51 29.84
N GLU A 105 -6.16 -17.81 29.90
CA GLU A 105 -4.90 -18.32 29.38
C GLU A 105 -4.76 -18.05 27.90
N LYS A 106 -5.85 -18.21 27.16
CA LYS A 106 -5.84 -17.97 25.72
C LYS A 106 -5.70 -16.47 25.44
N TRP A 107 -6.39 -15.66 26.23
CA TRP A 107 -6.32 -14.21 26.08
C TRP A 107 -4.87 -13.75 26.26
N ASP A 108 -4.22 -14.24 27.31
CA ASP A 108 -2.84 -13.86 27.60
C ASP A 108 -1.88 -14.32 26.51
N ALA A 109 -2.10 -15.53 26.00
CA ALA A 109 -1.22 -16.09 24.99
C ALA A 109 -1.33 -15.37 23.65
N ILE A 110 -2.54 -14.99 23.26
CA ILE A 110 -2.74 -14.29 22.01
C ILE A 110 -2.11 -12.90 22.07
N LEU A 111 -2.24 -12.23 23.20
CA LEU A 111 -1.65 -10.90 23.35
C LEU A 111 -0.13 -10.97 23.37
N ALA A 112 0.41 -12.00 24.01
CA ALA A 112 1.86 -12.13 24.10
C ALA A 112 2.50 -12.33 22.74
N LEU A 113 1.94 -13.23 21.95
CA LEU A 113 2.50 -13.53 20.64
C LEU A 113 2.12 -12.55 19.54
N ASN A 114 0.83 -12.19 19.49
CA ASN A 114 0.34 -11.30 18.44
C ASN A 114 0.67 -9.83 18.66
N LEU A 115 0.91 -9.44 19.90
CA LEU A 115 1.20 -8.04 20.17
C LEU A 115 2.53 -7.78 20.86
N SER A 116 2.74 -8.39 22.02
CA SER A 116 3.98 -8.15 22.74
C SER A 116 5.22 -8.54 21.95
N ALA A 117 5.11 -9.58 21.13
CA ALA A 117 6.24 -10.02 20.32
C ALA A 117 6.70 -8.91 19.37
N VAL A 118 5.74 -8.15 18.84
CA VAL A 118 6.05 -7.05 17.92
C VAL A 118 6.84 -5.96 18.65
N PHE A 119 6.49 -5.73 19.91
CA PHE A 119 7.17 -4.74 20.74
C PHE A 119 8.62 -5.16 21.03
N HIS A 120 8.78 -6.39 21.53
CA HIS A 120 10.12 -6.89 21.84
C HIS A 120 11.01 -6.95 20.61
N GLY A 121 10.45 -7.39 19.50
CA GLY A 121 11.22 -7.46 18.26
C GLY A 121 11.60 -6.08 17.77
N THR A 122 10.64 -5.15 17.81
CA THR A 122 10.89 -3.79 17.36
C THR A 122 11.96 -3.12 18.21
N ALA A 123 11.81 -3.25 19.54
CA ALA A 123 12.75 -2.65 20.47
C ALA A 123 14.19 -3.08 20.24
N ALA A 124 14.40 -4.37 19.99
CA ALA A 124 15.76 -4.88 19.76
C ALA A 124 16.31 -4.44 18.41
N ALA A 125 15.44 -4.26 17.43
CA ALA A 125 15.88 -3.87 16.10
C ALA A 125 16.15 -2.39 15.91
N LEU A 126 15.37 -1.53 16.56
CA LEU A 126 15.53 -0.09 16.37
C LEU A 126 16.92 0.52 16.54
N PRO A 127 17.66 0.14 17.59
CA PRO A 127 19.01 0.71 17.77
C PRO A 127 19.91 0.47 16.57
N HIS A 128 19.79 -0.71 15.96
CA HIS A 128 20.60 -1.07 14.80
C HIS A 128 20.13 -0.30 13.57
N MET A 129 18.82 -0.23 13.38
CA MET A 129 18.29 0.47 12.23
C MET A 129 18.61 1.97 12.28
N LYS A 130 18.51 2.57 13.46
CA LYS A 130 18.81 3.99 13.58
C LYS A 130 20.28 4.26 13.30
N LYS A 131 21.15 3.36 13.74
CA LYS A 131 22.58 3.50 13.51
C LYS A 131 22.94 3.29 12.04
N GLN A 132 22.27 2.34 11.39
CA GLN A 132 22.50 2.03 9.98
C GLN A 132 21.96 3.13 9.07
N GLY A 133 20.96 3.86 9.54
CA GLY A 133 20.37 4.90 8.72
C GLY A 133 19.35 4.29 7.77
N PHE A 134 19.01 3.02 8.01
CA PHE A 134 18.05 2.32 7.17
C PHE A 134 17.25 1.30 7.97
N GLY A 135 15.95 1.24 7.69
CA GLY A 135 15.11 0.30 8.40
C GLY A 135 13.71 0.20 7.84
N ARG A 136 13.20 -1.03 7.81
CA ARG A 136 11.86 -1.33 7.33
C ARG A 136 11.23 -2.32 8.27
N ILE A 137 10.31 -1.86 9.11
CA ILE A 137 9.61 -2.74 10.01
C ILE A 137 8.23 -2.95 9.39
N ILE A 138 7.91 -4.21 9.12
CA ILE A 138 6.65 -4.56 8.50
C ILE A 138 5.91 -5.53 9.42
N ASN A 139 4.84 -5.04 10.02
CA ASN A 139 4.04 -5.83 10.93
C ASN A 139 2.86 -6.45 10.19
N ILE A 140 2.75 -7.77 10.28
CA ILE A 140 1.64 -8.46 9.62
C ILE A 140 0.48 -8.45 10.60
N ALA A 141 -0.40 -7.47 10.45
CA ALA A 141 -1.54 -7.38 11.34
C ALA A 141 -2.71 -8.19 10.80
N SER A 142 -3.78 -7.53 10.42
CA SER A 142 -4.96 -8.21 9.90
C SER A 142 -6.06 -7.20 9.68
N ALA A 143 -7.08 -7.62 8.94
CA ALA A 143 -8.23 -6.77 8.71
C ALA A 143 -8.82 -6.56 10.10
N HIS A 144 -8.52 -7.51 10.99
CA HIS A 144 -9.00 -7.45 12.36
C HIS A 144 -8.20 -6.48 13.23
N GLY A 145 -7.37 -5.66 12.57
CA GLY A 145 -6.61 -4.64 13.27
C GLY A 145 -7.31 -3.32 12.96
N LEU A 146 -8.27 -3.39 12.05
CA LEU A 146 -9.05 -2.24 11.62
C LEU A 146 -10.55 -2.35 11.92
N VAL A 147 -11.07 -3.56 11.82
CA VAL A 147 -12.48 -3.82 12.12
C VAL A 147 -12.56 -5.04 13.02
N ALA A 148 -13.78 -5.42 13.41
CA ALA A 148 -13.95 -6.55 14.30
C ALA A 148 -14.87 -7.65 13.80
N SER A 149 -14.75 -8.82 14.43
CA SER A 149 -15.60 -9.97 14.16
C SER A 149 -15.95 -10.53 15.52
N ALA A 150 -17.19 -11.01 15.65
CA ALA A 150 -17.66 -11.58 16.91
C ALA A 150 -16.84 -12.82 17.27
N ASN A 151 -16.67 -13.05 18.57
CA ASN A 151 -15.94 -14.21 19.09
C ASN A 151 -14.43 -14.25 18.90
N LYS A 152 -13.85 -13.13 18.49
CA LYS A 152 -12.41 -13.08 18.28
C LYS A 152 -11.79 -11.91 19.04
N SER A 153 -12.28 -11.69 20.27
CA SER A 153 -11.83 -10.59 21.10
C SER A 153 -10.32 -10.42 21.30
N ALA A 154 -9.65 -11.47 21.75
CA ALA A 154 -8.20 -11.37 21.97
C ALA A 154 -7.44 -11.06 20.69
N TYR A 155 -7.85 -11.68 19.59
CA TYR A 155 -7.19 -11.46 18.29
C TYR A 155 -7.40 -10.05 17.77
N VAL A 156 -8.64 -9.58 17.82
CA VAL A 156 -8.97 -8.23 17.35
C VAL A 156 -8.24 -7.20 18.19
N ALA A 157 -8.30 -7.36 19.51
CA ALA A 157 -7.64 -6.43 20.42
C ALA A 157 -6.15 -6.36 20.15
N ALA A 158 -5.50 -7.53 20.05
CA ALA A 158 -4.06 -7.61 19.80
C ALA A 158 -3.65 -6.99 18.45
N LYS A 159 -4.41 -7.30 17.41
CA LYS A 159 -4.11 -6.77 16.08
C LYS A 159 -4.34 -5.27 16.05
N HIS A 160 -5.38 -4.81 16.75
CA HIS A 160 -5.64 -3.38 16.81
C HIS A 160 -4.43 -2.73 17.48
N GLY A 161 -3.92 -3.38 18.52
CA GLY A 161 -2.76 -2.86 19.23
C GLY A 161 -1.56 -2.79 18.32
N VAL A 162 -1.42 -3.78 17.45
CA VAL A 162 -0.30 -3.82 16.52
C VAL A 162 -0.35 -2.62 15.59
N VAL A 163 -1.54 -2.28 15.10
CA VAL A 163 -1.68 -1.13 14.21
C VAL A 163 -1.26 0.12 14.96
N GLY A 164 -1.75 0.27 16.19
CA GLY A 164 -1.37 1.41 17.00
C GLY A 164 0.14 1.43 17.26
N PHE A 165 0.69 0.29 17.65
CA PHE A 165 2.12 0.20 17.94
C PHE A 165 2.92 0.56 16.69
N THR A 166 2.42 0.18 15.52
CA THR A 166 3.10 0.49 14.26
C THR A 166 3.17 2.00 14.04
N LYS A 167 2.09 2.69 14.39
CA LYS A 167 2.04 4.15 14.20
C LYS A 167 3.06 4.87 15.08
N VAL A 168 3.19 4.41 16.32
CA VAL A 168 4.14 5.02 17.26
C VAL A 168 5.56 4.77 16.75
N THR A 169 5.82 3.53 16.35
CA THR A 169 7.12 3.14 15.84
C THR A 169 7.54 4.11 14.71
N ALA A 170 6.60 4.38 13.80
CA ALA A 170 6.88 5.28 12.68
C ALA A 170 7.22 6.70 13.12
N LEU A 171 6.45 7.22 14.08
CA LEU A 171 6.66 8.58 14.58
C LEU A 171 7.99 8.73 15.32
N GLU A 172 8.37 7.70 16.07
CA GLU A 172 9.63 7.72 16.81
C GLU A 172 10.83 7.60 15.86
N THR A 173 10.61 7.09 14.65
CA THR A 173 11.71 6.92 13.69
C THR A 173 11.62 7.82 12.46
N ALA A 174 10.55 8.61 12.38
CA ALA A 174 10.33 9.51 11.24
C ALA A 174 11.55 10.31 10.81
N GLY A 175 11.89 10.22 9.53
CA GLY A 175 13.03 10.96 9.00
C GLY A 175 14.39 10.29 9.10
N GLN A 176 14.48 9.24 9.89
CA GLN A 176 15.74 8.52 10.11
C GLN A 176 16.02 7.39 9.10
N GLY A 177 15.36 7.44 7.95
CA GLY A 177 15.57 6.40 6.94
C GLY A 177 14.87 5.09 7.30
N ILE A 178 13.98 5.15 8.28
CA ILE A 178 13.25 3.98 8.75
C ILE A 178 11.73 4.18 8.63
N THR A 179 11.03 3.13 8.19
CA THR A 179 9.58 3.20 8.11
C THR A 179 9.00 1.98 8.83
N ALA A 180 7.76 2.10 9.28
CA ALA A 180 7.08 1.02 9.97
C ALA A 180 5.62 1.07 9.52
N ASN A 181 5.18 -0.03 8.92
CA ASN A 181 3.82 -0.14 8.40
C ASN A 181 3.25 -1.49 8.78
N ALA A 182 1.93 -1.60 8.71
CA ALA A 182 1.25 -2.84 9.04
C ALA A 182 0.44 -3.33 7.86
N ILE A 183 0.73 -4.55 7.41
CA ILE A 183 -0.01 -5.16 6.32
C ILE A 183 -1.21 -5.81 7.02
N CYS A 184 -2.41 -5.57 6.49
CA CYS A 184 -3.62 -6.11 7.11
C CYS A 184 -4.34 -7.08 6.17
N PRO A 185 -3.97 -8.37 6.23
CA PRO A 185 -4.57 -9.40 5.38
C PRO A 185 -6.01 -9.77 5.70
N GLY A 186 -6.71 -10.25 4.67
CA GLY A 186 -8.06 -10.72 4.83
C GLY A 186 -7.91 -12.25 4.86
N TRP A 187 -8.87 -12.98 4.29
CA TRP A 187 -8.79 -14.44 4.30
C TRP A 187 -7.62 -14.97 3.47
N VAL A 188 -6.86 -15.89 4.04
CA VAL A 188 -5.73 -16.54 3.36
C VAL A 188 -6.03 -18.04 3.45
N ARG A 189 -5.77 -18.77 2.36
CA ARG A 189 -6.06 -20.20 2.32
C ARG A 189 -5.03 -21.11 2.98
N THR A 190 -4.95 -21.05 4.30
CA THR A 190 -4.02 -21.85 5.06
C THR A 190 -4.50 -23.31 5.09
N PRO A 191 -3.63 -24.25 5.53
CA PRO A 191 -4.04 -25.65 5.59
C PRO A 191 -5.24 -25.85 6.52
N LEU A 192 -5.26 -25.09 7.61
CA LEU A 192 -6.36 -25.19 8.57
C LEU A 192 -7.64 -24.60 7.99
N VAL A 193 -7.50 -23.63 7.08
CA VAL A 193 -8.66 -23.03 6.45
C VAL A 193 -9.19 -24.03 5.43
N GLU A 194 -8.28 -24.78 4.82
CA GLU A 194 -8.65 -25.78 3.84
C GLU A 194 -9.62 -26.78 4.48
N LYS A 195 -9.26 -27.26 5.67
CA LYS A 195 -10.09 -28.20 6.40
C LYS A 195 -11.46 -27.57 6.62
N GLN A 196 -11.46 -26.26 6.90
CA GLN A 196 -12.69 -25.53 7.13
C GLN A 196 -13.56 -25.57 5.87
N ILE A 197 -12.92 -25.41 4.72
CA ILE A 197 -13.61 -25.44 3.43
C ILE A 197 -14.21 -26.82 3.18
N SER A 198 -13.44 -27.87 3.46
CA SER A 198 -13.91 -29.24 3.26
C SER A 198 -15.10 -29.52 4.15
N ALA A 199 -14.98 -29.16 5.43
CA ALA A 199 -16.05 -29.36 6.39
C ALA A 199 -17.33 -28.69 5.89
N LEU A 200 -17.20 -27.44 5.46
CA LEU A 200 -18.34 -26.69 4.95
C LEU A 200 -18.88 -27.35 3.70
N ALA A 201 -17.99 -27.78 2.82
CA ALA A 201 -18.38 -28.41 1.56
C ALA A 201 -19.21 -29.66 1.84
N GLU A 202 -18.85 -30.38 2.89
CA GLU A 202 -19.56 -31.59 3.27
C GLU A 202 -20.94 -31.26 3.85
N LYS A 203 -20.96 -30.32 4.79
CA LYS A 203 -22.19 -29.90 5.43
C LYS A 203 -23.22 -29.33 4.45
N ASN A 204 -22.73 -28.66 3.41
CA ASN A 204 -23.61 -28.05 2.40
C ASN A 204 -23.76 -28.92 1.17
N GLY A 205 -23.01 -30.02 1.11
CA GLY A 205 -23.09 -30.91 -0.04
C GLY A 205 -22.78 -30.22 -1.35
N VAL A 206 -21.70 -29.46 -1.38
CA VAL A 206 -21.27 -28.75 -2.59
C VAL A 206 -19.78 -29.02 -2.81
N ASP A 207 -19.29 -28.68 -4.00
CA ASP A 207 -17.87 -28.90 -4.30
C ASP A 207 -16.97 -27.99 -3.46
N GLN A 208 -15.70 -28.36 -3.33
CA GLN A 208 -14.75 -27.60 -2.53
C GLN A 208 -14.70 -26.11 -2.89
N GLU A 209 -14.68 -25.80 -4.19
CA GLU A 209 -14.61 -24.41 -4.62
C GLU A 209 -15.88 -23.61 -4.34
N THR A 210 -17.03 -24.28 -4.38
CA THR A 210 -18.29 -23.60 -4.10
C THR A 210 -18.27 -23.25 -2.61
N ALA A 211 -17.78 -24.17 -1.79
CA ALA A 211 -17.69 -23.95 -0.36
C ALA A 211 -16.72 -22.80 -0.06
N ALA A 212 -15.62 -22.75 -0.81
CA ALA A 212 -14.61 -21.71 -0.63
C ALA A 212 -15.26 -20.34 -0.82
N ARG A 213 -15.99 -20.17 -1.91
CA ARG A 213 -16.67 -18.90 -2.16
C ARG A 213 -17.68 -18.65 -1.04
N GLU A 214 -18.40 -19.70 -0.66
CA GLU A 214 -19.38 -19.57 0.41
C GLU A 214 -18.74 -19.12 1.72
N LEU A 215 -17.59 -19.70 2.06
CA LEU A 215 -16.89 -19.33 3.28
C LEU A 215 -16.42 -17.87 3.24
N LEU A 216 -16.00 -17.42 2.06
CA LEU A 216 -15.50 -16.06 1.89
C LEU A 216 -16.60 -14.99 1.78
N SER A 217 -17.79 -15.39 1.35
CA SER A 217 -18.89 -14.44 1.14
C SER A 217 -19.20 -13.41 2.21
N GLU A 218 -19.19 -13.81 3.49
CA GLU A 218 -19.51 -12.86 4.54
C GLU A 218 -18.53 -11.69 4.73
N LYS A 219 -17.24 -11.96 4.61
CA LYS A 219 -16.23 -10.90 4.83
C LYS A 219 -15.43 -10.40 3.63
N GLN A 220 -15.27 -11.23 2.60
CA GLN A 220 -14.43 -10.89 1.45
C GLN A 220 -15.19 -10.75 0.12
N PRO A 221 -15.61 -9.53 -0.24
CA PRO A 221 -16.35 -9.24 -1.49
C PRO A 221 -15.84 -9.92 -2.75
N SER A 222 -14.53 -9.96 -2.92
CA SER A 222 -13.93 -10.56 -4.12
C SER A 222 -14.21 -12.05 -4.26
N LEU A 223 -14.43 -12.72 -3.14
CA LEU A 223 -14.69 -14.15 -3.13
C LEU A 223 -13.44 -14.90 -3.59
N GLN A 224 -12.29 -14.26 -3.38
CA GLN A 224 -11.00 -14.82 -3.75
C GLN A 224 -10.04 -14.70 -2.58
N PHE A 225 -9.24 -15.73 -2.35
CA PHE A 225 -8.29 -15.69 -1.25
C PHE A 225 -7.07 -14.84 -1.56
N VAL A 226 -6.50 -14.26 -0.50
CA VAL A 226 -5.27 -13.48 -0.61
C VAL A 226 -4.20 -14.56 -0.54
N THR A 227 -3.09 -14.40 -1.25
CA THR A 227 -2.05 -15.42 -1.22
C THR A 227 -0.76 -14.99 -0.54
N PRO A 228 0.04 -15.97 -0.09
CA PRO A 228 1.31 -15.67 0.57
C PRO A 228 2.25 -14.98 -0.41
N GLU A 229 2.07 -15.28 -1.70
CA GLU A 229 2.89 -14.67 -2.74
C GLU A 229 2.53 -13.18 -2.87
N GLN A 230 1.23 -12.88 -2.72
CA GLN A 230 0.77 -11.50 -2.80
C GLN A 230 1.29 -10.71 -1.62
N LEU A 231 1.14 -11.26 -0.42
CA LEU A 231 1.61 -10.60 0.79
C LEU A 231 3.13 -10.43 0.75
N GLY A 232 3.81 -11.38 0.14
CA GLY A 232 5.25 -11.29 0.03
C GLY A 232 5.55 -10.13 -0.89
N GLY A 233 4.79 -10.05 -1.99
CA GLY A 233 4.97 -8.97 -2.95
C GLY A 233 4.71 -7.62 -2.30
N THR A 234 3.75 -7.59 -1.40
CA THR A 234 3.40 -6.37 -0.70
C THR A 234 4.57 -5.94 0.20
N ALA A 235 5.15 -6.92 0.91
CA ALA A 235 6.27 -6.64 1.79
C ALA A 235 7.45 -6.12 0.96
N VAL A 236 7.67 -6.73 -0.20
CA VAL A 236 8.76 -6.32 -1.08
C VAL A 236 8.57 -4.86 -1.48
N PHE A 237 7.33 -4.46 -1.75
CA PHE A 237 7.06 -3.08 -2.13
C PHE A 237 7.42 -2.13 -0.99
N LEU A 238 6.94 -2.45 0.21
CA LEU A 238 7.18 -1.63 1.39
C LEU A 238 8.65 -1.50 1.78
N ALA A 239 9.46 -2.50 1.41
CA ALA A 239 10.88 -2.46 1.72
C ALA A 239 11.67 -1.74 0.66
N SER A 240 11.01 -1.39 -0.45
CA SER A 240 11.65 -0.69 -1.56
C SER A 240 11.80 0.81 -1.29
N ASP A 241 12.67 1.47 -2.04
CA ASP A 241 12.88 2.90 -1.85
C ASP A 241 11.68 3.71 -2.33
N ALA A 242 10.85 3.11 -3.16
CA ALA A 242 9.65 3.79 -3.65
C ALA A 242 8.72 4.06 -2.46
N ALA A 243 8.84 3.24 -1.42
CA ALA A 243 8.01 3.39 -0.23
C ALA A 243 8.73 4.09 0.92
N ALA A 244 9.74 4.89 0.59
CA ALA A 244 10.53 5.60 1.59
C ALA A 244 9.69 6.54 2.45
N GLN A 245 8.64 7.10 1.86
CA GLN A 245 7.80 8.00 2.62
C GLN A 245 6.46 7.39 3.02
N ILE A 246 6.36 6.07 2.92
CA ILE A 246 5.16 5.36 3.35
C ILE A 246 5.54 4.89 4.76
N THR A 247 4.96 5.49 5.79
CA THR A 247 5.29 5.09 7.15
C THR A 247 4.14 5.41 8.12
N GLY A 248 3.99 4.57 9.14
CA GLY A 248 2.93 4.76 10.12
C GLY A 248 1.54 4.48 9.55
N THR A 249 1.47 3.61 8.54
CA THR A 249 0.19 3.32 7.94
C THR A 249 -0.15 1.83 7.80
N THR A 250 -1.32 1.56 7.25
CA THR A 250 -1.78 0.19 7.04
C THR A 250 -1.99 -0.05 5.55
N VAL A 251 -1.69 -1.26 5.10
CA VAL A 251 -1.89 -1.62 3.71
C VAL A 251 -2.83 -2.82 3.73
N SER A 252 -4.10 -2.56 3.46
CA SER A 252 -5.09 -3.64 3.46
C SER A 252 -5.05 -4.49 2.21
N VAL A 253 -4.91 -5.80 2.40
CA VAL A 253 -4.89 -6.79 1.32
C VAL A 253 -6.02 -7.71 1.76
N ASP A 254 -7.26 -7.28 1.52
CA ASP A 254 -8.41 -8.05 1.96
C ASP A 254 -9.57 -8.26 1.00
N GLY A 255 -9.31 -8.14 -0.30
CA GLY A 255 -10.38 -8.34 -1.27
C GLY A 255 -11.63 -7.50 -1.07
N GLY A 256 -11.48 -6.33 -0.42
CA GLY A 256 -12.62 -5.44 -0.19
C GLY A 256 -13.28 -5.52 1.17
N TRP A 257 -12.76 -6.37 2.04
CA TRP A 257 -13.29 -6.58 3.39
C TRP A 257 -13.59 -5.26 4.12
N THR A 258 -12.59 -4.40 4.21
CA THR A 258 -12.70 -3.13 4.92
C THR A 258 -13.33 -1.95 4.14
N ALA A 259 -13.72 -2.18 2.89
CA ALA A 259 -14.33 -1.14 2.08
C ALA A 259 -15.80 -0.95 2.41
N ARG A 260 -16.44 -2.00 2.92
CA ARG A 260 -17.86 -1.94 3.28
C ARG A 260 -18.04 -2.08 4.79
N MET B 1 6.31 -6.51 -14.57
CA MET B 1 6.14 -5.62 -15.76
C MET B 1 4.67 -5.45 -16.14
N LEU B 2 4.42 -4.56 -17.10
CA LEU B 2 3.07 -4.28 -17.55
C LEU B 2 3.02 -4.23 -19.07
N LYS B 3 3.87 -5.02 -19.70
CA LYS B 3 3.93 -5.06 -21.16
C LYS B 3 2.61 -5.52 -21.77
N GLY B 4 2.14 -4.77 -22.75
CA GLY B 4 0.89 -5.12 -23.40
C GLY B 4 -0.33 -4.46 -22.78
N LYS B 5 -0.12 -3.71 -21.70
CA LYS B 5 -1.23 -3.02 -21.04
C LYS B 5 -1.28 -1.54 -21.42
N VAL B 6 -2.46 -0.94 -21.26
CA VAL B 6 -2.66 0.46 -21.60
C VAL B 6 -3.06 1.28 -20.37
N ALA B 7 -2.35 2.39 -20.15
CA ALA B 7 -2.62 3.26 -19.02
C ALA B 7 -3.01 4.67 -19.45
N VAL B 8 -4.07 5.18 -18.85
CA VAL B 8 -4.54 6.53 -19.10
C VAL B 8 -4.34 7.28 -17.78
N VAL B 9 -3.60 8.38 -17.82
CA VAL B 9 -3.33 9.16 -16.61
C VAL B 9 -3.72 10.60 -16.80
N THR B 10 -4.74 11.07 -16.08
CA THR B 10 -5.18 12.45 -16.19
C THR B 10 -4.17 13.40 -15.53
N GLY B 11 -4.12 14.65 -16.02
CA GLY B 11 -3.19 15.64 -15.47
C GLY B 11 -1.78 15.07 -15.34
N SER B 12 -1.28 14.48 -16.41
CA SER B 12 0.04 13.87 -16.39
C SER B 12 1.09 14.56 -17.27
N THR B 13 0.82 15.79 -17.70
CA THR B 13 1.78 16.52 -18.53
C THR B 13 2.90 17.09 -17.66
N SER B 14 2.76 16.99 -16.35
CA SER B 14 3.78 17.48 -15.43
C SER B 14 3.58 16.97 -14.00
N GLY B 15 4.54 17.26 -13.14
CA GLY B 15 4.47 16.86 -11.74
C GLY B 15 4.15 15.41 -11.41
N ILE B 16 3.24 15.23 -10.45
CA ILE B 16 2.82 13.90 -10.01
C ILE B 16 2.28 13.06 -11.17
N GLY B 17 1.36 13.64 -11.94
CA GLY B 17 0.79 12.91 -13.06
C GLY B 17 1.85 12.38 -14.02
N LEU B 18 2.83 13.21 -14.36
CA LEU B 18 3.91 12.82 -15.25
C LEU B 18 4.80 11.77 -14.60
N GLY B 19 4.97 11.87 -13.29
CA GLY B 19 5.79 10.90 -12.58
C GLY B 19 5.18 9.50 -12.65
N ILE B 20 3.86 9.44 -12.53
CA ILE B 20 3.18 8.15 -12.58
C ILE B 20 3.19 7.60 -14.00
N ALA B 21 2.90 8.46 -14.97
CA ALA B 21 2.89 8.07 -16.38
C ALA B 21 4.26 7.54 -16.78
N THR B 22 5.31 8.16 -16.25
CA THR B 22 6.68 7.76 -16.54
C THR B 22 6.97 6.41 -15.88
N ALA B 23 6.50 6.23 -14.66
CA ALA B 23 6.73 4.99 -13.93
C ALA B 23 6.05 3.82 -14.65
N LEU B 24 4.84 4.06 -15.15
CA LEU B 24 4.10 3.02 -15.86
C LEU B 24 4.74 2.72 -17.22
N ALA B 25 5.19 3.76 -17.91
CA ALA B 25 5.84 3.57 -19.21
C ALA B 25 7.09 2.70 -19.04
N ALA B 26 7.85 2.96 -17.98
CA ALA B 26 9.07 2.22 -17.71
C ALA B 26 8.79 0.73 -17.46
N GLN B 27 7.54 0.40 -17.14
CA GLN B 27 7.15 -0.99 -16.89
C GLN B 27 6.73 -1.63 -18.21
N GLY B 28 6.75 -0.83 -19.28
CA GLY B 28 6.37 -1.33 -20.59
C GLY B 28 4.92 -1.09 -20.98
N ALA B 29 4.24 -0.22 -20.24
CA ALA B 29 2.85 0.08 -20.53
C ALA B 29 2.68 1.24 -21.50
N ASP B 30 1.75 1.11 -22.44
CA ASP B 30 1.50 2.20 -23.38
C ASP B 30 0.80 3.27 -22.55
N ILE B 31 1.02 4.53 -22.89
CA ILE B 31 0.45 5.62 -22.11
C ILE B 31 -0.32 6.66 -22.90
N VAL B 32 -1.40 7.17 -22.30
CA VAL B 32 -2.18 8.24 -22.91
C VAL B 32 -2.05 9.38 -21.88
N LEU B 33 -1.38 10.46 -22.28
CA LEU B 33 -1.16 11.60 -21.39
C LEU B 33 -2.34 12.56 -21.49
N ASN B 34 -2.43 13.46 -20.52
CA ASN B 34 -3.53 14.42 -20.51
C ASN B 34 -3.30 15.60 -19.59
N GLY B 35 -3.97 16.71 -19.89
CA GLY B 35 -3.84 17.91 -19.08
C GLY B 35 -3.61 19.15 -19.90
N PHE B 36 -3.84 20.31 -19.30
CA PHE B 36 -3.63 21.58 -19.97
C PHE B 36 -2.13 21.90 -19.96
N GLY B 37 -1.71 22.79 -20.85
CA GLY B 37 -0.31 23.15 -20.92
C GLY B 37 0.10 23.60 -22.31
N ASP B 38 1.38 23.86 -22.51
CA ASP B 38 1.87 24.30 -23.80
C ASP B 38 1.92 23.14 -24.80
N ALA B 39 1.15 23.27 -25.88
CA ALA B 39 1.07 22.24 -26.91
C ALA B 39 2.46 21.75 -27.35
N ALA B 40 3.36 22.69 -27.64
CA ALA B 40 4.70 22.34 -28.07
C ALA B 40 5.46 21.61 -26.97
N GLU B 41 5.47 22.18 -25.76
CA GLU B 41 6.16 21.55 -24.64
C GLU B 41 5.59 20.15 -24.41
N ILE B 42 4.27 20.05 -24.43
CA ILE B 42 3.59 18.76 -24.23
C ILE B 42 4.06 17.70 -25.21
N GLU B 43 4.11 18.05 -26.49
CA GLU B 43 4.56 17.11 -27.51
C GLU B 43 5.97 16.60 -27.18
N LYS B 44 6.81 17.51 -26.70
CA LYS B 44 8.18 17.15 -26.36
C LYS B 44 8.19 16.07 -25.27
N VAL B 45 7.33 16.24 -24.28
CA VAL B 45 7.22 15.27 -23.18
C VAL B 45 6.72 13.93 -23.73
N ARG B 46 5.67 13.98 -24.54
CA ARG B 46 5.10 12.76 -25.10
C ARG B 46 6.15 11.98 -25.90
N ALA B 47 6.71 12.62 -26.91
CA ALA B 47 7.73 12.00 -27.76
C ALA B 47 8.90 11.53 -26.93
N GLY B 48 9.26 12.33 -25.93
CA GLY B 48 10.39 11.97 -25.07
C GLY B 48 10.12 10.70 -24.30
N LEU B 49 8.90 10.57 -23.77
CA LEU B 49 8.54 9.38 -23.00
C LEU B 49 8.50 8.16 -23.93
N ALA B 50 7.87 8.33 -25.08
CA ALA B 50 7.75 7.25 -26.06
C ALA B 50 9.11 6.70 -26.44
N ALA B 51 10.03 7.59 -26.81
CA ALA B 51 11.37 7.21 -27.22
C ALA B 51 12.19 6.58 -26.09
N GLN B 52 12.19 7.23 -24.93
CA GLN B 52 12.98 6.73 -23.81
C GLN B 52 12.57 5.36 -23.28
N HIS B 53 11.28 5.02 -23.40
CA HIS B 53 10.81 3.75 -22.89
C HIS B 53 10.32 2.77 -23.94
N GLY B 54 10.45 3.16 -25.20
CA GLY B 54 10.02 2.30 -26.29
C GLY B 54 8.60 1.80 -26.18
N VAL B 55 7.67 2.70 -25.93
CA VAL B 55 6.26 2.36 -25.84
C VAL B 55 5.48 3.43 -26.58
N LYS B 56 4.23 3.14 -26.91
CA LYS B 56 3.38 4.07 -27.61
C LYS B 56 2.81 5.08 -26.63
N VAL B 57 3.04 6.38 -26.88
CA VAL B 57 2.55 7.43 -26.01
C VAL B 57 1.69 8.45 -26.76
N LEU B 58 0.45 8.62 -26.33
CA LEU B 58 -0.47 9.57 -26.94
C LEU B 58 -0.80 10.67 -25.97
N TYR B 59 -1.35 11.77 -26.50
CA TYR B 59 -1.75 12.91 -25.67
C TYR B 59 -3.14 13.37 -26.05
N ASP B 60 -4.01 13.48 -25.03
CA ASP B 60 -5.38 13.92 -25.24
C ASP B 60 -5.62 15.11 -24.33
N GLY B 61 -5.76 16.30 -24.92
CA GLY B 61 -5.97 17.50 -24.14
C GLY B 61 -7.38 17.69 -23.59
N ALA B 62 -8.17 16.63 -23.57
CA ALA B 62 -9.55 16.70 -23.07
C ALA B 62 -9.66 17.50 -21.78
N ASP B 63 -10.67 18.36 -21.71
CA ASP B 63 -10.92 19.21 -20.55
C ASP B 63 -11.65 18.39 -19.47
N LEU B 64 -10.95 18.10 -18.37
CA LEU B 64 -11.50 17.31 -17.28
C LEU B 64 -12.61 17.97 -16.46
N SER B 65 -12.90 19.23 -16.73
CA SER B 65 -13.96 19.93 -16.01
C SER B 65 -15.30 19.57 -16.63
N LYS B 66 -15.24 18.94 -17.79
CA LYS B 66 -16.43 18.55 -18.53
C LYS B 66 -16.61 17.03 -18.50
N GLY B 67 -17.77 16.59 -18.04
CA GLY B 67 -18.06 15.16 -17.95
C GLY B 67 -17.96 14.41 -19.26
N GLU B 68 -18.57 14.97 -20.31
CA GLU B 68 -18.53 14.33 -21.62
C GLU B 68 -17.09 14.25 -22.12
N ALA B 69 -16.29 15.26 -21.76
CA ALA B 69 -14.90 15.32 -22.17
C ALA B 69 -14.08 14.21 -21.49
N VAL B 70 -14.33 13.98 -20.21
CA VAL B 70 -13.61 12.94 -19.47
C VAL B 70 -13.96 11.57 -20.05
N ARG B 71 -15.24 11.34 -20.28
CA ARG B 71 -15.70 10.08 -20.85
C ARG B 71 -15.12 9.91 -22.25
N GLY B 72 -15.00 11.02 -22.97
CA GLY B 72 -14.45 10.98 -24.31
C GLY B 72 -12.97 10.61 -24.27
N LEU B 73 -12.27 11.15 -23.28
CA LEU B 73 -10.85 10.86 -23.11
C LEU B 73 -10.65 9.35 -23.01
N VAL B 74 -11.49 8.71 -22.22
CA VAL B 74 -11.40 7.27 -22.02
C VAL B 74 -11.80 6.48 -23.27
N ASP B 75 -12.89 6.87 -23.93
CA ASP B 75 -13.32 6.16 -25.13
C ASP B 75 -12.23 6.22 -26.21
N ASN B 76 -11.75 7.42 -26.50
CA ASN B 76 -10.73 7.58 -27.53
C ASN B 76 -9.45 6.83 -27.18
N ALA B 77 -9.18 6.69 -25.88
CA ALA B 77 -7.99 5.96 -25.46
C ALA B 77 -8.16 4.52 -25.94
N VAL B 78 -9.34 3.96 -25.71
CA VAL B 78 -9.64 2.59 -26.11
C VAL B 78 -9.63 2.46 -27.64
N ARG B 79 -10.16 3.48 -28.32
CA ARG B 79 -10.18 3.46 -29.77
C ARG B 79 -8.78 3.48 -30.37
N GLN B 80 -7.89 4.30 -29.79
CA GLN B 80 -6.52 4.42 -30.29
C GLN B 80 -5.54 3.37 -29.79
N MET B 81 -5.69 2.97 -28.53
CA MET B 81 -4.81 1.99 -27.91
C MET B 81 -5.36 0.57 -27.96
N GLY B 82 -6.67 0.44 -28.15
CA GLY B 82 -7.28 -0.87 -28.23
C GLY B 82 -7.86 -1.41 -26.93
N ARG B 83 -7.66 -0.68 -25.83
CA ARG B 83 -8.16 -1.11 -24.53
C ARG B 83 -7.66 -0.16 -23.45
N ILE B 84 -8.20 -0.30 -22.25
CA ILE B 84 -7.76 0.52 -21.12
C ILE B 84 -7.62 -0.38 -19.89
N ASP B 85 -6.39 -0.77 -19.59
CA ASP B 85 -6.13 -1.64 -18.46
C ASP B 85 -6.00 -0.88 -17.15
N ILE B 86 -5.41 0.30 -17.23
CA ILE B 86 -5.17 1.13 -16.06
C ILE B 86 -5.68 2.55 -16.21
N LEU B 87 -6.43 3.03 -15.23
CA LEU B 87 -6.92 4.41 -15.25
C LEU B 87 -6.50 5.10 -13.96
N VAL B 88 -5.61 6.07 -14.10
CA VAL B 88 -5.14 6.84 -12.96
C VAL B 88 -5.82 8.20 -13.00
N ASN B 89 -6.73 8.43 -12.06
CA ASN B 89 -7.44 9.71 -11.97
C ASN B 89 -6.61 10.57 -11.02
N ASN B 90 -5.81 11.46 -11.60
CA ASN B 90 -4.91 12.31 -10.85
C ASN B 90 -5.20 13.81 -10.76
N ALA B 91 -5.61 14.41 -11.87
CA ALA B 91 -5.90 15.85 -11.90
C ALA B 91 -6.51 16.44 -10.64
N GLY B 92 -5.89 17.50 -10.13
CA GLY B 92 -6.40 18.16 -8.94
C GLY B 92 -6.13 19.66 -8.93
N ILE B 93 -7.03 20.40 -8.30
CA ILE B 93 -6.90 21.85 -8.18
C ILE B 93 -7.26 22.24 -6.74
N GLN B 94 -6.76 23.37 -6.27
CA GLN B 94 -7.04 23.80 -4.89
C GLN B 94 -7.29 25.29 -4.72
N HIS B 95 -7.59 25.66 -3.48
CA HIS B 95 -7.84 27.05 -3.11
C HIS B 95 -7.97 27.15 -1.59
N THR B 96 -7.24 28.10 -1.01
CA THR B 96 -7.27 28.28 0.44
C THR B 96 -8.09 29.50 0.84
N ALA B 97 -9.02 29.30 1.78
CA ALA B 97 -9.88 30.37 2.27
C ALA B 97 -10.84 29.81 3.31
N LEU B 98 -11.26 30.65 4.25
CA LEU B 98 -12.21 30.23 5.26
C LEU B 98 -13.49 29.83 4.54
N ILE B 99 -14.26 28.93 5.14
CA ILE B 99 -15.49 28.46 4.53
C ILE B 99 -16.44 29.61 4.14
N GLU B 100 -16.65 30.55 5.06
CA GLU B 100 -17.54 31.68 4.78
C GLU B 100 -16.97 32.63 3.72
N ASP B 101 -15.69 32.48 3.39
CA ASP B 101 -15.07 33.34 2.38
C ASP B 101 -14.84 32.56 1.09
N PHE B 102 -15.11 31.26 1.13
CA PHE B 102 -14.88 30.43 -0.04
C PHE B 102 -15.86 30.72 -1.17
N PRO B 103 -15.33 31.14 -2.35
CA PRO B 103 -16.14 31.45 -3.53
C PRO B 103 -16.86 30.22 -4.07
N THR B 104 -18.17 30.34 -4.26
CA THR B 104 -18.96 29.23 -4.76
C THR B 104 -18.39 28.70 -6.07
N GLU B 105 -17.88 29.61 -6.90
CA GLU B 105 -17.30 29.24 -8.18
C GLU B 105 -16.08 28.35 -7.96
N LYS B 106 -15.30 28.64 -6.93
CA LYS B 106 -14.11 27.85 -6.62
C LYS B 106 -14.52 26.50 -6.06
N TRP B 107 -15.51 26.50 -5.16
CA TRP B 107 -16.01 25.26 -4.58
C TRP B 107 -16.51 24.32 -5.67
N ASP B 108 -17.27 24.86 -6.62
CA ASP B 108 -17.81 24.04 -7.71
C ASP B 108 -16.74 23.52 -8.65
N ALA B 109 -15.73 24.34 -8.95
CA ALA B 109 -14.66 23.92 -9.84
C ALA B 109 -13.84 22.80 -9.20
N ILE B 110 -13.58 22.94 -7.90
CA ILE B 110 -12.80 21.94 -7.18
C ILE B 110 -13.54 20.62 -7.10
N LEU B 111 -14.84 20.67 -6.84
CA LEU B 111 -15.60 19.44 -6.78
C LEU B 111 -15.65 18.80 -8.16
N ALA B 112 -15.83 19.62 -9.19
CA ALA B 112 -15.92 19.13 -10.56
C ALA B 112 -14.68 18.39 -11.02
N LEU B 113 -13.50 18.96 -10.81
CA LEU B 113 -12.27 18.31 -11.24
C LEU B 113 -11.75 17.21 -10.32
N ASN B 114 -11.70 17.49 -9.03
CA ASN B 114 -11.18 16.52 -8.07
C ASN B 114 -12.11 15.36 -7.73
N LEU B 115 -13.42 15.58 -7.80
CA LEU B 115 -14.37 14.51 -7.50
C LEU B 115 -15.14 13.98 -8.71
N SER B 116 -15.98 14.83 -9.29
CA SER B 116 -16.79 14.42 -10.43
C SER B 116 -15.99 13.80 -11.57
N ALA B 117 -14.81 14.34 -11.83
CA ALA B 117 -13.95 13.83 -12.89
C ALA B 117 -13.61 12.35 -12.67
N VAL B 118 -13.46 11.96 -11.41
CA VAL B 118 -13.14 10.58 -11.08
C VAL B 118 -14.32 9.66 -11.42
N PHE B 119 -15.52 10.15 -11.16
CA PHE B 119 -16.76 9.42 -11.46
C PHE B 119 -16.93 9.20 -12.97
N HIS B 120 -16.84 10.29 -13.73
CA HIS B 120 -17.00 10.18 -15.18
C HIS B 120 -15.94 9.29 -15.80
N GLY B 121 -14.70 9.46 -15.39
CA GLY B 121 -13.63 8.64 -15.92
C GLY B 121 -13.83 7.16 -15.61
N THR B 122 -14.21 6.87 -14.36
CA THR B 122 -14.43 5.51 -13.92
C THR B 122 -15.63 4.88 -14.65
N ALA B 123 -16.68 5.67 -14.82
CA ALA B 123 -17.89 5.21 -15.49
C ALA B 123 -17.63 4.82 -16.94
N ALA B 124 -16.74 5.56 -17.59
CA ALA B 124 -16.38 5.30 -18.98
C ALA B 124 -15.49 4.07 -19.16
N ALA B 125 -14.59 3.86 -18.20
CA ALA B 125 -13.67 2.74 -18.29
C ALA B 125 -14.18 1.38 -17.79
N LEU B 126 -15.11 1.40 -16.83
CA LEU B 126 -15.61 0.15 -16.26
C LEU B 126 -16.14 -0.87 -17.26
N PRO B 127 -16.96 -0.43 -18.24
CA PRO B 127 -17.45 -1.42 -19.19
C PRO B 127 -16.32 -2.20 -19.87
N HIS B 128 -15.30 -1.46 -20.32
CA HIS B 128 -14.16 -2.07 -21.00
C HIS B 128 -13.39 -3.02 -20.07
N MET B 129 -13.16 -2.60 -18.82
CA MET B 129 -12.44 -3.43 -17.87
C MET B 129 -13.20 -4.70 -17.51
N LYS B 130 -14.51 -4.59 -17.32
CA LYS B 130 -15.30 -5.76 -16.99
C LYS B 130 -15.30 -6.75 -18.16
N LYS B 131 -15.35 -6.21 -19.38
CA LYS B 131 -15.33 -7.05 -20.58
C LYS B 131 -14.03 -7.82 -20.70
N GLN B 132 -12.92 -7.11 -20.52
CA GLN B 132 -11.60 -7.73 -20.62
C GLN B 132 -11.23 -8.59 -19.42
N GLY B 133 -11.91 -8.39 -18.30
CA GLY B 133 -11.61 -9.20 -17.13
C GLY B 133 -10.37 -8.72 -16.39
N PHE B 134 -9.96 -7.49 -16.65
CA PHE B 134 -8.81 -6.93 -15.98
C PHE B 134 -8.94 -5.43 -15.85
N GLY B 135 -8.58 -4.92 -14.68
CA GLY B 135 -8.69 -3.49 -14.46
C GLY B 135 -7.95 -3.02 -13.23
N ARG B 136 -7.45 -1.79 -13.30
CA ARG B 136 -6.75 -1.16 -12.21
C ARG B 136 -7.10 0.30 -12.23
N ILE B 137 -7.96 0.70 -11.30
CA ILE B 137 -8.36 2.08 -11.19
C ILE B 137 -7.57 2.63 -10.00
N ILE B 138 -6.67 3.56 -10.28
CA ILE B 138 -5.84 4.15 -9.24
C ILE B 138 -6.14 5.63 -9.09
N ASN B 139 -6.88 5.97 -8.04
CA ASN B 139 -7.25 7.34 -7.78
C ASN B 139 -6.21 8.02 -6.89
N ILE B 140 -5.74 9.18 -7.32
CA ILE B 140 -4.79 9.93 -6.52
C ILE B 140 -5.62 10.89 -5.69
N ALA B 141 -5.81 10.54 -4.42
CA ALA B 141 -6.59 11.37 -3.52
C ALA B 141 -5.65 12.31 -2.80
N SER B 142 -5.50 12.11 -1.49
CA SER B 142 -4.65 12.97 -0.67
C SER B 142 -4.77 12.59 0.80
N ALA B 143 -3.87 13.11 1.63
CA ALA B 143 -3.96 12.87 3.06
C ALA B 143 -5.28 13.53 3.44
N HIS B 144 -5.67 14.54 2.67
CA HIS B 144 -6.90 15.29 2.91
C HIS B 144 -8.16 14.52 2.50
N GLY B 145 -7.97 13.28 2.09
CA GLY B 145 -9.09 12.43 1.75
C GLY B 145 -9.37 11.57 2.98
N LEU B 146 -8.52 11.73 3.99
CA LEU B 146 -8.62 10.98 5.24
C LEU B 146 -8.73 11.88 6.46
N VAL B 147 -8.04 13.02 6.43
CA VAL B 147 -8.10 13.98 7.53
C VAL B 147 -8.22 15.38 6.93
N ALA B 148 -8.41 16.39 7.78
CA ALA B 148 -8.57 17.74 7.27
C ALA B 148 -7.56 18.75 7.75
N SER B 149 -7.60 19.91 7.10
CA SER B 149 -6.78 21.06 7.41
C SER B 149 -7.74 22.23 7.34
N ALA B 150 -7.51 23.23 8.18
CA ALA B 150 -8.37 24.40 8.17
C ALA B 150 -8.15 25.13 6.84
N ASN B 151 -9.20 25.79 6.34
CA ASN B 151 -9.12 26.58 5.10
C ASN B 151 -9.03 25.85 3.75
N LYS B 152 -9.32 24.55 3.74
CA LYS B 152 -9.29 23.78 2.51
C LYS B 152 -10.54 22.92 2.37
N SER B 153 -11.68 23.46 2.80
CA SER B 153 -12.94 22.72 2.77
C SER B 153 -13.28 22.00 1.46
N ALA B 154 -13.28 22.71 0.34
CA ALA B 154 -13.61 22.10 -0.94
C ALA B 154 -12.68 20.94 -1.31
N TYR B 155 -11.38 21.13 -1.11
CA TYR B 155 -10.39 20.10 -1.43
C TYR B 155 -10.57 18.88 -0.53
N VAL B 156 -10.71 19.14 0.76
CA VAL B 156 -10.90 18.08 1.74
C VAL B 156 -12.19 17.33 1.45
N ALA B 157 -13.25 18.06 1.13
CA ALA B 157 -14.53 17.45 0.82
C ALA B 157 -14.43 16.59 -0.43
N ALA B 158 -13.84 17.14 -1.49
CA ALA B 158 -13.69 16.41 -2.74
C ALA B 158 -12.84 15.15 -2.57
N LYS B 159 -11.70 15.28 -1.89
CA LYS B 159 -10.82 14.13 -1.69
C LYS B 159 -11.46 13.04 -0.86
N HIS B 160 -12.21 13.41 0.18
CA HIS B 160 -12.89 12.42 0.99
C HIS B 160 -13.88 11.72 0.07
N GLY B 161 -14.51 12.52 -0.80
CA GLY B 161 -15.47 11.99 -1.74
C GLY B 161 -14.83 10.93 -2.63
N VAL B 162 -13.60 11.18 -3.04
CA VAL B 162 -12.86 10.24 -3.87
C VAL B 162 -12.60 8.93 -3.15
N VAL B 163 -12.23 9.00 -1.87
CA VAL B 163 -11.99 7.79 -1.11
C VAL B 163 -13.27 6.97 -1.03
N GLY B 164 -14.38 7.63 -0.72
CA GLY B 164 -15.65 6.92 -0.64
C GLY B 164 -16.01 6.31 -1.98
N PHE B 165 -15.82 7.08 -3.06
CA PHE B 165 -16.13 6.61 -4.40
C PHE B 165 -15.26 5.41 -4.77
N THR B 166 -14.00 5.45 -4.34
CA THR B 166 -13.05 4.37 -4.61
C THR B 166 -13.57 3.07 -3.97
N LYS B 167 -14.11 3.19 -2.77
CA LYS B 167 -14.65 2.04 -2.06
C LYS B 167 -15.82 1.43 -2.84
N VAL B 168 -16.74 2.26 -3.31
CA VAL B 168 -17.89 1.77 -4.07
C VAL B 168 -17.42 1.07 -5.33
N THR B 169 -16.51 1.74 -6.05
CA THR B 169 -15.95 1.20 -7.29
C THR B 169 -15.44 -0.21 -7.05
N ALA B 170 -14.71 -0.40 -5.95
CA ALA B 170 -14.15 -1.71 -5.63
C ALA B 170 -15.23 -2.76 -5.41
N LEU B 171 -16.25 -2.39 -4.64
CA LEU B 171 -17.33 -3.32 -4.34
C LEU B 171 -18.14 -3.76 -5.57
N GLU B 172 -18.32 -2.86 -6.52
CA GLU B 172 -19.09 -3.17 -7.74
C GLU B 172 -18.29 -4.04 -8.71
N THR B 173 -16.98 -4.06 -8.55
CA THR B 173 -16.10 -4.82 -9.43
C THR B 173 -15.40 -5.98 -8.72
N ALA B 174 -15.66 -6.13 -7.42
CA ALA B 174 -15.03 -7.18 -6.63
C ALA B 174 -15.08 -8.58 -7.26
N GLY B 175 -13.90 -9.17 -7.46
CA GLY B 175 -13.83 -10.49 -8.05
C GLY B 175 -13.81 -10.57 -9.57
N GLN B 176 -13.94 -9.43 -10.25
CA GLN B 176 -13.95 -9.41 -11.70
C GLN B 176 -12.59 -9.12 -12.35
N GLY B 177 -11.51 -9.23 -11.58
CA GLY B 177 -10.19 -8.96 -12.11
C GLY B 177 -9.86 -7.49 -12.09
N ILE B 178 -10.71 -6.72 -11.43
CA ILE B 178 -10.56 -5.27 -11.33
C ILE B 178 -10.42 -4.81 -9.88
N THR B 179 -9.50 -3.90 -9.63
CA THR B 179 -9.35 -3.35 -8.28
C THR B 179 -9.38 -1.83 -8.38
N ALA B 180 -9.78 -1.19 -7.29
CA ALA B 180 -9.85 0.26 -7.23
C ALA B 180 -9.32 0.71 -5.87
N ASN B 181 -8.26 1.51 -5.89
CA ASN B 181 -7.64 2.01 -4.67
C ASN B 181 -7.30 3.49 -4.81
N ALA B 182 -7.03 4.13 -3.68
CA ALA B 182 -6.68 5.54 -3.69
C ALA B 182 -5.38 5.81 -2.94
N ILE B 183 -4.42 6.35 -3.67
CA ILE B 183 -3.13 6.71 -3.10
C ILE B 183 -3.39 8.09 -2.45
N CYS B 184 -3.00 8.23 -1.19
CA CYS B 184 -3.23 9.48 -0.49
C CYS B 184 -1.89 10.12 -0.13
N PRO B 185 -1.39 11.00 -1.01
CA PRO B 185 -0.11 11.68 -0.83
C PRO B 185 -0.11 12.76 0.24
N GLY B 186 1.06 12.94 0.85
CA GLY B 186 1.25 13.99 1.82
C GLY B 186 1.89 15.09 0.99
N TRP B 187 2.78 15.89 1.58
CA TRP B 187 3.44 16.96 0.85
C TRP B 187 4.36 16.45 -0.26
N VAL B 188 4.22 17.05 -1.43
CA VAL B 188 5.03 16.74 -2.61
C VAL B 188 5.70 18.07 -2.97
N ARG B 189 6.96 18.05 -3.38
CA ARG B 189 7.68 19.28 -3.69
C ARG B 189 7.43 19.88 -5.08
N THR B 190 6.24 20.44 -5.27
CA THR B 190 5.85 21.04 -6.55
C THR B 190 6.50 22.42 -6.75
N PRO B 191 6.42 22.95 -7.99
CA PRO B 191 7.00 24.26 -8.30
C PRO B 191 6.39 25.38 -7.46
N LEU B 192 5.07 25.31 -7.27
CA LEU B 192 4.39 26.31 -6.47
C LEU B 192 4.79 26.17 -5.00
N VAL B 193 5.01 24.92 -4.57
CA VAL B 193 5.44 24.67 -3.19
C VAL B 193 6.84 25.25 -3.03
N GLU B 194 7.68 25.06 -4.05
CA GLU B 194 9.05 25.58 -4.03
C GLU B 194 9.02 27.08 -3.79
N LYS B 195 8.04 27.76 -4.38
CA LYS B 195 7.90 29.19 -4.21
C LYS B 195 7.35 29.51 -2.82
N GLN B 196 6.66 28.54 -2.24
CA GLN B 196 6.10 28.71 -0.90
C GLN B 196 7.27 28.62 0.08
N ILE B 197 8.24 27.75 -0.25
CA ILE B 197 9.43 27.57 0.57
C ILE B 197 10.29 28.83 0.49
N SER B 198 10.56 29.28 -0.73
CA SER B 198 11.36 30.48 -0.95
C SER B 198 10.71 31.69 -0.31
N ALA B 199 9.41 31.61 -0.08
CA ALA B 199 8.67 32.70 0.54
C ALA B 199 8.95 32.68 2.04
N LEU B 200 9.27 31.48 2.54
CA LEU B 200 9.57 31.29 3.95
C LEU B 200 11.09 31.41 4.12
N ALA B 201 11.82 31.12 3.05
CA ALA B 201 13.27 31.19 3.05
C ALA B 201 13.71 32.65 3.24
N GLU B 202 13.00 33.57 2.60
CA GLU B 202 13.31 34.98 2.71
C GLU B 202 12.49 35.60 3.83
N LYS B 203 11.63 34.81 4.44
CA LYS B 203 10.78 35.27 5.53
C LYS B 203 11.53 35.14 6.85
N ASN B 204 12.33 34.08 6.96
CA ASN B 204 13.12 33.82 8.15
C ASN B 204 14.61 34.02 7.87
N GLY B 205 14.92 34.26 6.61
CA GLY B 205 16.31 34.47 6.23
C GLY B 205 17.17 33.24 6.47
N VAL B 206 16.65 32.09 6.05
CA VAL B 206 17.37 30.82 6.20
C VAL B 206 17.51 30.17 4.84
N ASP B 207 18.41 29.19 4.72
CA ASP B 207 18.61 28.51 3.46
C ASP B 207 17.32 27.81 3.05
N GLN B 208 17.20 27.47 1.78
CA GLN B 208 16.00 26.82 1.26
C GLN B 208 15.62 25.56 2.03
N GLU B 209 16.55 24.62 2.14
CA GLU B 209 16.28 23.37 2.82
C GLU B 209 15.76 23.52 4.24
N THR B 210 16.27 24.50 4.98
CA THR B 210 15.80 24.72 6.34
C THR B 210 14.34 25.14 6.26
N ALA B 211 14.05 26.01 5.29
CA ALA B 211 12.68 26.48 5.10
C ALA B 211 11.80 25.29 4.71
N ALA B 212 12.37 24.40 3.90
CA ALA B 212 11.64 23.21 3.45
C ALA B 212 11.14 22.44 4.66
N ARG B 213 12.04 22.15 5.60
CA ARG B 213 11.69 21.41 6.81
C ARG B 213 10.69 22.21 7.63
N GLU B 214 10.82 23.54 7.60
CA GLU B 214 9.91 24.41 8.34
C GLU B 214 8.50 24.20 7.80
N LEU B 215 8.40 24.18 6.48
CA LEU B 215 7.13 23.99 5.80
C LEU B 215 6.51 22.62 6.03
N LEU B 216 7.35 21.61 6.26
CA LEU B 216 6.88 20.24 6.48
C LEU B 216 6.62 19.91 7.95
N SER B 217 7.23 20.67 8.86
CA SER B 217 7.10 20.40 10.28
C SER B 217 5.69 20.16 10.80
N GLU B 218 4.76 21.03 10.43
CA GLU B 218 3.40 20.89 10.94
C GLU B 218 2.61 19.64 10.60
N LYS B 219 2.72 19.17 9.35
CA LYS B 219 1.94 18.01 8.93
C LYS B 219 2.73 16.74 8.61
N GLN B 220 3.96 16.88 8.17
CA GLN B 220 4.77 15.73 7.76
C GLN B 220 5.94 15.40 8.68
N PRO B 221 5.71 14.47 9.62
CA PRO B 221 6.68 14.00 10.61
C PRO B 221 8.10 13.68 10.10
N SER B 222 8.19 13.04 8.93
CA SER B 222 9.49 12.69 8.37
C SER B 222 10.36 13.88 8.01
N LEU B 223 9.72 15.03 7.77
CA LEU B 223 10.41 16.25 7.37
C LEU B 223 11.08 16.04 6.02
N GLN B 224 10.46 15.19 5.21
CA GLN B 224 10.95 14.87 3.87
C GLN B 224 9.76 14.84 2.93
N PHE B 225 9.94 15.36 1.71
CA PHE B 225 8.86 15.39 0.74
C PHE B 225 8.64 14.05 0.06
N VAL B 226 7.42 13.85 -0.44
CA VAL B 226 7.09 12.64 -1.18
C VAL B 226 7.43 13.07 -2.60
N THR B 227 7.98 12.15 -3.39
CA THR B 227 8.34 12.50 -4.76
C THR B 227 7.41 11.87 -5.78
N PRO B 228 7.34 12.47 -6.98
CA PRO B 228 6.47 11.91 -8.02
C PRO B 228 6.94 10.50 -8.37
N GLU B 229 8.25 10.27 -8.28
CA GLU B 229 8.82 8.96 -8.58
C GLU B 229 8.32 7.90 -7.61
N GLN B 230 8.19 8.26 -6.34
CA GLN B 230 7.70 7.34 -5.32
C GLN B 230 6.24 7.06 -5.59
N LEU B 231 5.48 8.11 -5.92
CA LEU B 231 4.06 7.94 -6.21
C LEU B 231 3.91 7.11 -7.47
N GLY B 232 4.88 7.18 -8.37
CA GLY B 232 4.82 6.38 -9.58
C GLY B 232 5.06 4.93 -9.22
N GLY B 233 6.05 4.70 -8.37
CA GLY B 233 6.36 3.36 -7.94
C GLY B 233 5.21 2.72 -7.15
N THR B 234 4.40 3.57 -6.52
CA THR B 234 3.26 3.08 -5.75
C THR B 234 2.17 2.66 -6.71
N ALA B 235 1.95 3.46 -7.75
CA ALA B 235 0.95 3.15 -8.77
C ALA B 235 1.36 1.85 -9.46
N VAL B 236 2.66 1.71 -9.72
CA VAL B 236 3.18 0.52 -10.36
C VAL B 236 2.85 -0.71 -9.52
N PHE B 237 3.05 -0.62 -8.21
CA PHE B 237 2.76 -1.74 -7.33
C PHE B 237 1.28 -2.15 -7.39
N LEU B 238 0.39 -1.19 -7.20
CA LEU B 238 -1.05 -1.44 -7.25
C LEU B 238 -1.50 -2.06 -8.58
N ALA B 239 -0.78 -1.75 -9.65
CA ALA B 239 -1.12 -2.29 -10.96
C ALA B 239 -0.57 -3.70 -11.17
N SER B 240 0.34 -4.11 -10.28
CA SER B 240 0.95 -5.42 -10.38
C SER B 240 0.00 -6.55 -9.97
N ASP B 241 0.35 -7.77 -10.32
CA ASP B 241 -0.48 -8.93 -10.00
C ASP B 241 -0.49 -9.20 -8.50
N ALA B 242 0.56 -8.78 -7.81
CA ALA B 242 0.67 -8.98 -6.37
C ALA B 242 -0.39 -8.17 -5.62
N ALA B 243 -0.92 -7.14 -6.27
CA ALA B 243 -1.94 -6.29 -5.65
C ALA B 243 -3.34 -6.70 -6.10
N ALA B 244 -3.46 -7.92 -6.62
CA ALA B 244 -4.74 -8.43 -7.09
C ALA B 244 -5.86 -8.41 -6.06
N GLN B 245 -5.53 -8.62 -4.79
CA GLN B 245 -6.56 -8.62 -3.76
C GLN B 245 -6.55 -7.36 -2.89
N ILE B 246 -5.94 -6.31 -3.42
CA ILE B 246 -5.90 -5.02 -2.74
C ILE B 246 -6.91 -4.21 -3.55
N THR B 247 -8.04 -3.88 -2.93
CA THR B 247 -9.06 -3.13 -3.62
C THR B 247 -9.98 -2.49 -2.59
N GLY B 248 -10.48 -1.30 -2.92
CA GLY B 248 -11.36 -0.58 -2.04
C GLY B 248 -10.65 0.02 -0.84
N THR B 249 -9.35 0.25 -0.97
CA THR B 249 -8.60 0.79 0.14
C THR B 249 -7.71 1.97 -0.24
N THR B 250 -6.97 2.49 0.75
CA THR B 250 -6.08 3.62 0.52
C THR B 250 -4.65 3.25 0.84
N VAL B 251 -3.72 3.92 0.17
CA VAL B 251 -2.31 3.70 0.42
C VAL B 251 -1.75 5.10 0.72
N SER B 252 -1.53 5.38 2.01
CA SER B 252 -1.02 6.67 2.42
C SER B 252 0.49 6.75 2.22
N VAL B 253 0.91 7.75 1.45
CA VAL B 253 2.32 8.03 1.19
C VAL B 253 2.44 9.46 1.72
N ASP B 254 2.58 9.58 3.05
CA ASP B 254 2.59 10.90 3.65
C ASP B 254 3.63 11.16 4.75
N GLY B 255 4.68 10.36 4.82
CA GLY B 255 5.70 10.56 5.84
C GLY B 255 5.20 10.61 7.29
N GLY B 256 4.12 9.89 7.58
CA GLY B 256 3.57 9.85 8.94
C GLY B 256 2.46 10.85 9.24
N TRP B 257 2.07 11.61 8.22
CA TRP B 257 1.02 12.63 8.36
C TRP B 257 -0.20 12.12 9.14
N THR B 258 -0.81 11.05 8.63
CA THR B 258 -2.01 10.47 9.23
C THR B 258 -1.81 9.47 10.38
N ALA B 259 -0.57 9.26 10.80
CA ALA B 259 -0.27 8.34 11.90
C ALA B 259 -0.54 8.98 13.27
N ARG B 260 -0.45 10.30 13.32
CA ARG B 260 -0.69 11.07 14.54
C ARG B 260 -1.95 11.91 14.34
#